data_7C8L
#
_entry.id   7C8L
#
_cell.length_a   92.474
_cell.length_b   92.474
_cell.length_c   80.256
_cell.angle_alpha   90.000
_cell.angle_beta   90.000
_cell.angle_gamma   120.000
#
_symmetry.space_group_name_H-M   'P 65'
#
loop_
_entity.id
_entity.type
_entity.pdbx_description
1 polymer 'Hyposensitive to light 7'
2 non-polymer '2-(2-{2-[2-(2-{2-[2-(2-{2-[4-(1,1,3,3-TETRAMETHYL-BUTYL)-PHENOXY]-ETHOXY}-ETHOXY)-ETHOXY]-ETHOXY}-ETHOXY)-ETHOXY]-ETHOX Y}-ETHOXY)-ETHANOL'
3 non-polymer 'SULFATE ION'
4 non-polymer GLYCEROL
5 non-polymer pyrrolidine-1-carbaldehyde
6 water water
#
_entity_poly.entity_id   1
_entity_poly.type   'polypeptide(L)'
_entity_poly.pdbx_seq_one_letter_code
;GPLGSMSSIGLAHNVTILGSGETTVVLGHGYGTDQSVWKLLVPYLVDDYKVLLYDHMGAGTTNPDYFDFDRYSSLEGYSY
DLIAILEEFQVSKCIYVGHSMSSMAAAVASIFRPDLFHKLVMISPTPRLINTEEYYGGFEQKVMDETLRSLDENFKSLSL
GTAPLLLACDLESAAMQEYCRTLFNMRPDIACCITRMICGLDLRPYLGHVTVPCHIIQSSNDIMVPVAVGEYLRKNLGGP
SVVEVMPTEGHLPHLSMPEVTIPVVLRHIRQDITDH
;
_entity_poly.pdbx_strand_id   A
#
# COMPACT_ATOMS: atom_id res chain seq x y z
N SER A 8 22.33 -8.65 1.41
CA SER A 8 21.72 -7.55 2.14
C SER A 8 20.22 -7.50 1.84
N ILE A 9 19.41 -7.35 2.89
CA ILE A 9 17.99 -7.22 2.65
C ILE A 9 17.68 -5.92 1.89
N GLY A 10 18.45 -4.86 2.13
CA GLY A 10 18.22 -3.64 1.40
C GLY A 10 18.44 -3.81 -0.09
N LEU A 11 19.50 -4.52 -0.46
CA LEU A 11 19.76 -4.81 -1.86
C LEU A 11 18.67 -5.68 -2.47
N ALA A 12 18.18 -6.66 -1.71
CA ALA A 12 17.11 -7.54 -2.20
C ALA A 12 15.83 -6.78 -2.46
N HIS A 13 15.63 -5.65 -1.77
CA HIS A 13 14.45 -4.81 -1.95
C HIS A 13 14.75 -3.55 -2.75
N ASN A 14 15.89 -3.48 -3.42
CA ASN A 14 16.24 -2.34 -4.28
C ASN A 14 16.11 -1.02 -3.54
N VAL A 15 16.57 -1.00 -2.30
CA VAL A 15 16.43 0.22 -1.51
C VAL A 15 17.22 1.34 -2.16
N THR A 16 16.61 2.52 -2.24
CA THR A 16 17.29 3.73 -2.68
C THR A 16 17.08 4.81 -1.62
N ILE A 17 18.08 5.66 -1.44
CA ILE A 17 18.05 6.73 -0.45
C ILE A 17 18.29 8.05 -1.16
N LEU A 18 17.48 9.05 -0.85
CA LEU A 18 17.68 10.37 -1.44
C LEU A 18 17.37 11.46 -0.43
N GLY A 19 17.74 12.68 -0.79
CA GLY A 19 17.44 13.82 0.07
C GLY A 19 18.35 13.87 1.28
N SER A 20 17.89 14.63 2.27
CA SER A 20 18.62 14.79 3.52
C SER A 20 17.69 15.46 4.51
N GLY A 21 17.93 15.22 5.79
CA GLY A 21 17.12 15.84 6.82
C GLY A 21 17.10 14.97 8.06
N GLU A 22 16.69 15.58 9.17
CA GLU A 22 16.61 14.87 10.43
C GLU A 22 15.46 13.87 10.46
N THR A 23 14.48 14.01 9.59
CA THR A 23 13.35 13.09 9.52
C THR A 23 13.41 12.32 8.21
N THR A 24 13.16 11.01 8.29
CA THR A 24 13.16 10.14 7.13
C THR A 24 11.72 9.80 6.76
N VAL A 25 11.39 9.99 5.49
CA VAL A 25 10.14 9.54 4.90
C VAL A 25 10.43 8.22 4.19
N VAL A 26 9.61 7.21 4.46
CA VAL A 26 9.74 5.89 3.82
C VAL A 26 8.53 5.73 2.92
N LEU A 27 8.77 5.46 1.63
CA LEU A 27 7.72 5.31 0.63
C LEU A 27 7.58 3.84 0.26
N GLY A 28 6.38 3.29 0.49
CA GLY A 28 6.07 1.88 0.25
C GLY A 28 4.97 1.73 -0.79
N HIS A 29 5.33 1.28 -1.99
CA HIS A 29 4.35 1.13 -3.06
C HIS A 29 3.39 -0.02 -2.76
N GLY A 30 2.25 0.01 -3.44
CA GLY A 30 1.22 -1.00 -3.28
C GLY A 30 1.29 -2.12 -4.32
N TYR A 31 0.23 -2.92 -4.33
CA TYR A 31 0.15 -4.06 -5.23
C TYR A 31 0.31 -3.63 -6.68
N GLY A 32 1.11 -4.40 -7.44
CA GLY A 32 1.19 -4.23 -8.87
C GLY A 32 2.12 -3.15 -9.35
N THR A 33 2.72 -2.38 -8.44
CA THR A 33 3.61 -1.28 -8.78
C THR A 33 4.99 -1.55 -8.15
N ASP A 34 5.88 -0.57 -8.27
CA ASP A 34 7.16 -0.61 -7.57
C ASP A 34 7.47 0.83 -7.13
N GLN A 35 8.69 1.04 -6.62
CA GLN A 35 9.00 2.34 -6.04
C GLN A 35 8.95 3.47 -7.06
N SER A 36 8.96 3.14 -8.36
CA SER A 36 8.81 4.17 -9.38
C SER A 36 7.46 4.87 -9.33
N VAL A 37 6.47 4.29 -8.65
CA VAL A 37 5.17 4.93 -8.51
C VAL A 37 5.26 6.29 -7.81
N TRP A 38 6.32 6.51 -7.04
CA TRP A 38 6.49 7.72 -6.24
C TRP A 38 7.21 8.83 -6.99
N LYS A 39 7.46 8.65 -8.29
CA LYS A 39 8.38 9.54 -9.00
C LYS A 39 7.92 10.99 -9.00
N LEU A 40 6.61 11.26 -8.95
CA LEU A 40 6.14 12.64 -8.93
C LEU A 40 6.09 13.24 -7.54
N LEU A 41 6.06 12.41 -6.49
CA LEU A 41 6.04 12.92 -5.12
C LEU A 41 7.45 13.29 -4.65
N VAL A 42 8.44 12.50 -5.05
CA VAL A 42 9.81 12.69 -4.59
C VAL A 42 10.33 14.13 -4.70
N PRO A 43 10.14 14.85 -5.82
CA PRO A 43 10.70 16.21 -5.89
C PRO A 43 10.21 17.15 -4.80
N TYR A 44 9.05 16.89 -4.22
CA TYR A 44 8.50 17.75 -3.17
C TYR A 44 8.96 17.34 -1.78
N LEU A 45 9.75 16.27 -1.67
CA LEU A 45 10.31 15.80 -0.40
C LEU A 45 11.81 16.01 -0.28
N VAL A 46 12.53 16.02 -1.41
CA VAL A 46 13.98 15.87 -1.41
C VAL A 46 14.70 16.98 -0.65
N ASP A 47 14.15 18.19 -0.64
CA ASP A 47 14.79 19.30 0.03
C ASP A 47 14.59 19.29 1.55
N ASP A 48 13.57 18.58 2.03
CA ASP A 48 13.13 18.69 3.42
C ASP A 48 13.35 17.41 4.22
N TYR A 49 13.48 16.27 3.56
CA TYR A 49 13.54 14.98 4.24
C TYR A 49 14.57 14.09 3.58
N LYS A 50 15.13 13.18 4.36
CA LYS A 50 15.75 12.00 3.79
C LYS A 50 14.62 11.06 3.40
N VAL A 51 14.76 10.40 2.25
CA VAL A 51 13.70 9.55 1.71
C VAL A 51 14.27 8.17 1.43
N LEU A 52 13.60 7.14 1.93
CA LEU A 52 13.97 5.76 1.65
C LEU A 52 12.85 5.14 0.83
N LEU A 53 13.19 4.60 -0.34
CA LEU A 53 12.26 3.90 -1.20
C LEU A 53 12.67 2.45 -1.30
N TYR A 54 11.70 1.55 -1.39
CA TYR A 54 12.02 0.14 -1.52
C TYR A 54 10.92 -0.54 -2.32
N ASP A 55 11.23 -1.73 -2.84
CA ASP A 55 10.25 -2.58 -3.51
C ASP A 55 9.93 -3.75 -2.58
N HIS A 56 8.65 -4.03 -2.38
CA HIS A 56 8.29 -5.19 -1.57
C HIS A 56 8.61 -6.48 -2.31
N MET A 57 8.91 -7.53 -1.55
CA MET A 57 9.36 -8.78 -2.17
C MET A 57 8.27 -9.36 -3.06
N GLY A 58 8.66 -9.76 -4.27
CA GLY A 58 7.71 -10.22 -5.26
C GLY A 58 7.37 -9.21 -6.32
N ALA A 59 7.70 -7.92 -6.10
CA ALA A 59 7.62 -6.98 -7.20
C ALA A 59 8.50 -7.49 -8.34
N GLY A 60 8.12 -7.15 -9.58
CA GLY A 60 8.83 -7.65 -10.74
C GLY A 60 10.30 -7.28 -10.78
N THR A 61 10.68 -6.21 -10.08
CA THR A 61 12.07 -5.79 -9.96
C THR A 61 12.86 -6.61 -8.97
N THR A 62 12.25 -7.54 -8.25
CA THR A 62 12.96 -8.32 -7.24
C THR A 62 13.25 -9.72 -7.76
N ASN A 63 14.18 -10.38 -7.08
CA ASN A 63 14.67 -11.68 -7.52
C ASN A 63 13.65 -12.75 -7.14
N PRO A 64 13.10 -13.51 -8.10
CA PRO A 64 12.14 -14.56 -7.75
C PRO A 64 12.68 -15.58 -6.77
N ASP A 65 14.00 -15.79 -6.74
CA ASP A 65 14.57 -16.76 -5.80
C ASP A 65 14.36 -16.37 -4.35
N TYR A 66 14.08 -15.10 -4.07
CA TYR A 66 13.86 -14.65 -2.71
C TYR A 66 12.40 -14.68 -2.29
N PHE A 67 11.49 -15.05 -3.20
CA PHE A 67 10.06 -15.06 -2.88
C PHE A 67 9.70 -16.37 -2.19
N ASP A 68 9.37 -16.27 -0.90
CA ASP A 68 8.96 -17.41 -0.09
C ASP A 68 7.44 -17.47 -0.13
N PHE A 69 6.89 -18.46 -0.84
CA PHE A 69 5.43 -18.55 -0.99
C PHE A 69 4.73 -18.74 0.33
N ASP A 70 5.40 -19.33 1.34
CA ASP A 70 4.75 -19.49 2.63
C ASP A 70 4.70 -18.17 3.39
N ARG A 71 5.80 -17.43 3.42
CA ARG A 71 5.83 -16.17 4.17
C ARG A 71 4.93 -15.12 3.54
N TYR A 72 4.85 -15.11 2.22
CA TYR A 72 4.12 -14.04 1.53
C TYR A 72 2.69 -14.42 1.21
N SER A 73 2.21 -15.55 1.73
CA SER A 73 0.80 -15.89 1.69
C SER A 73 0.00 -15.20 2.78
N SER A 74 0.65 -14.48 3.68
CA SER A 74 -0.03 -13.58 4.59
C SER A 74 0.76 -12.28 4.65
N LEU A 75 0.11 -11.22 5.15
CA LEU A 75 0.75 -9.91 5.10
C LEU A 75 1.86 -9.77 6.13
N GLU A 76 1.83 -10.57 7.20
CA GLU A 76 2.80 -10.41 8.28
C GLU A 76 4.24 -10.51 7.78
N GLY A 77 4.52 -11.40 6.82
CA GLY A 77 5.88 -11.50 6.30
C GLY A 77 6.37 -10.18 5.74
N TYR A 78 5.49 -9.43 5.09
CA TYR A 78 5.87 -8.12 4.59
C TYR A 78 6.15 -7.15 5.73
N SER A 79 5.33 -7.20 6.79
CA SER A 79 5.58 -6.37 7.96
C SER A 79 6.96 -6.64 8.56
N TYR A 80 7.32 -7.91 8.72
CA TYR A 80 8.61 -8.22 9.33
C TYR A 80 9.77 -7.85 8.41
N ASP A 81 9.60 -8.01 7.09
CA ASP A 81 10.62 -7.55 6.15
C ASP A 81 10.85 -6.05 6.29
N LEU A 82 9.76 -5.29 6.41
CA LEU A 82 9.87 -3.84 6.53
C LEU A 82 10.67 -3.45 7.76
N ILE A 83 10.40 -4.09 8.89
CA ILE A 83 11.19 -3.81 10.09
C ILE A 83 12.67 -4.02 9.82
N ALA A 84 13.01 -5.12 9.13
CA ALA A 84 14.41 -5.43 8.89
C ALA A 84 15.05 -4.39 7.97
N ILE A 85 14.30 -3.91 6.97
CA ILE A 85 14.80 -2.86 6.09
C ILE A 85 15.09 -1.59 6.89
N LEU A 86 14.13 -1.17 7.72
CA LEU A 86 14.33 0.05 8.49
C LEU A 86 15.53 -0.08 9.42
N GLU A 87 15.69 -1.25 10.05
CA GLU A 87 16.84 -1.45 10.93
C GLU A 87 18.15 -1.40 10.16
N GLU A 88 18.20 -2.01 8.97
CA GLU A 88 19.44 -2.03 8.21
C GLU A 88 19.92 -0.62 7.89
N PHE A 89 18.98 0.28 7.62
CA PHE A 89 19.32 1.65 7.25
C PHE A 89 19.24 2.62 8.42
N GLN A 90 19.12 2.09 9.63
CA GLN A 90 19.18 2.89 10.86
C GLN A 90 18.09 3.95 10.87
N VAL A 91 16.93 3.59 10.35
CA VAL A 91 15.78 4.48 10.31
C VAL A 91 14.98 4.28 11.58
N SER A 92 14.59 5.37 12.23
CA SER A 92 13.62 5.29 13.30
C SER A 92 12.71 6.50 13.25
N LYS A 93 11.59 6.39 13.95
CA LYS A 93 10.56 7.43 13.95
C LYS A 93 10.31 7.99 12.55
N CYS A 94 10.11 7.08 11.60
CA CYS A 94 9.96 7.51 10.22
C CYS A 94 8.53 7.98 9.94
N ILE A 95 8.39 8.73 8.85
CA ILE A 95 7.08 9.03 8.29
C ILE A 95 6.88 8.01 7.18
N TYR A 96 6.02 7.02 7.41
CA TYR A 96 5.81 5.96 6.45
C TYR A 96 4.62 6.32 5.58
N VAL A 97 4.83 6.36 4.26
CA VAL A 97 3.78 6.65 3.30
C VAL A 97 3.60 5.40 2.47
N GLY A 98 2.41 4.81 2.50
CA GLY A 98 2.17 3.58 1.78
C GLY A 98 0.85 3.61 1.06
N HIS A 99 0.78 2.84 0.00
CA HIS A 99 -0.48 2.58 -0.70
C HIS A 99 -1.02 1.23 -0.25
N SER A 100 -2.34 1.17 -0.08
CA SER A 100 -3.10 0.08 0.55
C SER A 100 -2.32 -1.03 1.24
N MET A 101 -1.97 -2.09 0.48
CA MET A 101 -1.26 -3.25 1.03
C MET A 101 -0.08 -2.83 1.90
N SER A 102 0.71 -1.87 1.42
N SER A 102 0.72 -1.87 1.43
CA SER A 102 1.94 -1.48 2.11
CA SER A 102 1.95 -1.51 2.14
C SER A 102 1.63 -0.72 3.39
C SER A 102 1.66 -0.69 3.39
N SER A 103 0.64 0.18 3.35
CA SER A 103 0.30 0.93 4.56
C SER A 103 -0.23 0.01 5.65
N MET A 104 -0.96 -1.05 5.28
CA MET A 104 -1.44 -2.00 6.28
C MET A 104 -0.29 -2.84 6.82
N ALA A 105 0.68 -3.19 5.96
CA ALA A 105 1.87 -3.90 6.44
C ALA A 105 2.64 -3.06 7.45
N ALA A 106 2.72 -1.75 7.19
CA ALA A 106 3.40 -0.85 8.13
C ALA A 106 2.61 -0.70 9.43
N ALA A 107 1.27 -0.67 9.32
CA ALA A 107 0.46 -0.60 10.54
C ALA A 107 0.72 -1.80 11.43
N VAL A 108 0.76 -3.01 10.86
CA VAL A 108 1.06 -4.20 11.64
C VAL A 108 2.48 -4.13 12.21
N ALA A 109 3.45 -3.74 11.36
CA ALA A 109 4.82 -3.56 11.84
C ALA A 109 4.90 -2.62 13.03
N SER A 110 4.10 -1.55 13.01
CA SER A 110 4.16 -0.53 14.06
C SER A 110 3.64 -1.05 15.40
N ILE A 111 2.87 -2.13 15.41
CA ILE A 111 2.49 -2.76 16.67
C ILE A 111 3.70 -3.35 17.35
N PHE A 112 4.57 -3.99 16.58
CA PHE A 112 5.75 -4.63 17.14
C PHE A 112 6.88 -3.63 17.39
N ARG A 113 6.98 -2.61 16.56
CA ARG A 113 8.08 -1.65 16.64
C ARG A 113 7.54 -0.24 16.47
N PRO A 114 6.77 0.25 17.44
CA PRO A 114 6.29 1.64 17.36
C PRO A 114 7.41 2.65 17.37
N ASP A 115 8.59 2.27 17.88
CA ASP A 115 9.74 3.16 17.87
C ASP A 115 10.20 3.50 16.46
N LEU A 116 9.84 2.69 15.47
CA LEU A 116 10.31 2.91 14.10
C LEU A 116 9.41 3.86 13.32
N PHE A 117 8.24 4.24 13.86
CA PHE A 117 7.24 5.00 13.10
C PHE A 117 6.80 6.23 13.87
N HIS A 118 6.94 7.40 13.24
CA HIS A 118 6.37 8.62 13.79
C HIS A 118 4.91 8.76 13.41
N LYS A 119 4.57 8.41 12.16
CA LYS A 119 3.18 8.37 11.71
C LYS A 119 3.11 7.54 10.45
N LEU A 120 1.88 7.10 10.15
CA LEU A 120 1.59 6.36 8.93
C LEU A 120 0.66 7.19 8.06
N VAL A 121 1.07 7.41 6.82
CA VAL A 121 0.24 8.07 5.81
C VAL A 121 -0.20 6.99 4.84
N MET A 122 -1.52 6.76 4.76
CA MET A 122 -2.06 5.56 4.13
C MET A 122 -2.95 5.99 2.97
N ILE A 123 -2.59 5.59 1.76
CA ILE A 123 -3.38 5.88 0.56
C ILE A 123 -4.24 4.67 0.26
N SER A 124 -5.56 4.86 0.27
CA SER A 124 -6.53 3.81 -0.03
C SER A 124 -6.40 2.56 0.82
N PRO A 125 -6.29 2.66 2.15
CA PRO A 125 -6.16 1.44 2.94
C PRO A 125 -7.51 0.77 3.15
N THR A 126 -7.45 -0.55 3.34
CA THR A 126 -8.61 -1.29 3.82
C THR A 126 -8.09 -2.48 4.61
N PRO A 127 -8.76 -2.88 5.69
CA PRO A 127 -8.30 -4.03 6.47
C PRO A 127 -8.86 -5.35 5.98
N ARG A 128 -9.82 -5.33 5.06
CA ARG A 128 -10.48 -6.55 4.63
C ARG A 128 -11.39 -6.26 3.44
N LEU A 129 -11.29 -7.07 2.39
CA LEU A 129 -12.12 -6.89 1.20
C LEU A 129 -13.43 -7.65 1.28
N ILE A 130 -13.47 -8.80 1.96
CA ILE A 130 -14.62 -9.72 1.89
C ILE A 130 -15.68 -9.29 2.90
N ASN A 131 -16.92 -9.23 2.46
CA ASN A 131 -18.02 -8.83 3.34
C ASN A 131 -18.27 -9.90 4.39
N THR A 132 -18.74 -9.45 5.55
CA THR A 132 -19.39 -10.29 6.56
C THR A 132 -20.78 -9.73 6.83
N GLU A 133 -21.49 -10.36 7.77
CA GLU A 133 -22.80 -9.85 8.14
C GLU A 133 -22.71 -8.46 8.74
N GLU A 134 -21.58 -8.13 9.38
CA GLU A 134 -21.44 -6.86 10.09
C GLU A 134 -20.47 -5.91 9.44
N TYR A 135 -19.73 -6.34 8.41
CA TYR A 135 -18.68 -5.53 7.82
C TYR A 135 -18.79 -5.58 6.31
N TYR A 136 -18.74 -4.41 5.66
CA TYR A 136 -18.83 -4.31 4.21
C TYR A 136 -17.47 -3.91 3.66
N GLY A 137 -16.82 -4.85 2.98
CA GLY A 137 -15.52 -4.58 2.38
C GLY A 137 -15.59 -4.35 0.88
N GLY A 138 -16.71 -4.73 0.27
CA GLY A 138 -16.93 -4.54 -1.15
C GLY A 138 -17.06 -5.81 -1.96
N PHE A 139 -16.68 -6.97 -1.42
CA PHE A 139 -16.63 -8.20 -2.19
C PHE A 139 -17.29 -9.34 -1.44
N GLU A 140 -18.05 -10.17 -2.15
CA GLU A 140 -18.71 -11.31 -1.53
C GLU A 140 -17.86 -12.56 -1.67
N GLN A 141 -17.81 -13.33 -0.59
CA GLN A 141 -16.94 -14.50 -0.51
C GLN A 141 -17.18 -15.48 -1.66
N LYS A 142 -18.44 -15.80 -1.94
CA LYS A 142 -18.72 -16.84 -2.92
C LYS A 142 -18.36 -16.41 -4.35
N VAL A 143 -18.52 -15.12 -4.67
CA VAL A 143 -18.09 -14.65 -5.99
C VAL A 143 -16.57 -14.62 -6.07
N MET A 144 -15.92 -14.11 -5.03
CA MET A 144 -14.46 -14.16 -4.96
C MET A 144 -13.95 -15.57 -5.16
N ASP A 145 -14.60 -16.56 -4.52
CA ASP A 145 -14.21 -17.95 -4.67
C ASP A 145 -14.26 -18.40 -6.12
N GLU A 146 -15.33 -18.05 -6.85
CA GLU A 146 -15.42 -18.44 -8.25
C GLU A 146 -14.30 -17.80 -9.06
N THR A 147 -14.08 -16.50 -8.85
CA THR A 147 -13.09 -15.78 -9.64
C THR A 147 -11.70 -16.35 -9.41
N LEU A 148 -11.35 -16.60 -8.15
CA LEU A 148 -10.01 -17.06 -7.85
C LEU A 148 -9.78 -18.50 -8.31
N ARG A 149 -10.84 -19.28 -8.53
CA ARG A 149 -10.66 -20.66 -8.97
C ARG A 149 -9.94 -20.73 -10.32
N SER A 150 -10.21 -19.77 -11.21
CA SER A 150 -9.55 -19.74 -12.52
C SER A 150 -8.59 -18.57 -12.66
N LEU A 151 -8.06 -18.08 -11.54
CA LEU A 151 -7.18 -16.90 -11.58
C LEU A 151 -5.91 -17.18 -12.38
N ASP A 152 -5.28 -18.35 -12.16
CA ASP A 152 -3.94 -18.58 -12.72
C ASP A 152 -3.97 -18.50 -14.24
N GLU A 153 -4.90 -19.20 -14.88
CA GLU A 153 -4.94 -19.23 -16.33
C GLU A 153 -5.50 -17.94 -16.91
N ASN A 154 -6.14 -17.11 -16.08
CA ASN A 154 -6.78 -15.89 -16.55
C ASN A 154 -6.13 -14.63 -16.02
N PHE A 155 -4.94 -14.71 -15.43
CA PHE A 155 -4.42 -13.55 -14.71
C PHE A 155 -4.36 -12.30 -15.58
N LYS A 156 -3.80 -12.42 -16.79
CA LYS A 156 -3.66 -11.23 -17.63
C LYS A 156 -5.01 -10.70 -18.07
N SER A 157 -5.90 -11.58 -18.54
CA SER A 157 -7.17 -11.11 -19.08
C SER A 157 -8.07 -10.53 -17.99
N LEU A 158 -8.07 -11.14 -16.81
CA LEU A 158 -8.86 -10.60 -15.71
C LEU A 158 -8.28 -9.29 -15.21
N SER A 159 -6.95 -9.19 -15.11
CA SER A 159 -6.32 -7.95 -14.68
C SER A 159 -6.57 -6.83 -15.68
N LEU A 160 -6.38 -7.12 -16.98
CA LEU A 160 -6.63 -6.09 -17.98
C LEU A 160 -8.10 -5.71 -18.00
N GLY A 161 -8.99 -6.70 -17.87
CA GLY A 161 -10.41 -6.42 -17.94
C GLY A 161 -10.91 -5.54 -16.82
N THR A 162 -10.34 -5.68 -15.62
CA THR A 162 -10.80 -4.92 -14.47
C THR A 162 -10.00 -3.65 -14.22
N ALA A 163 -8.77 -3.55 -14.74
CA ALA A 163 -7.92 -2.41 -14.39
C ALA A 163 -8.54 -1.05 -14.69
N PRO A 164 -9.28 -0.84 -15.79
CA PRO A 164 -9.86 0.50 -15.99
C PRO A 164 -10.82 0.93 -14.90
N LEU A 165 -11.58 0.00 -14.32
CA LEU A 165 -12.42 0.37 -13.19
C LEU A 165 -11.62 0.46 -11.91
N LEU A 166 -10.64 -0.44 -11.72
CA LEU A 166 -9.77 -0.38 -10.55
C LEU A 166 -9.09 0.98 -10.46
N LEU A 167 -8.54 1.45 -11.57
CA LEU A 167 -7.79 2.70 -11.59
C LEU A 167 -8.67 3.89 -11.90
N ALA A 168 -9.89 3.68 -12.38
CA ALA A 168 -10.73 4.76 -12.88
C ALA A 168 -10.00 5.56 -13.97
N CYS A 169 -9.43 4.82 -14.92
CA CYS A 169 -8.68 5.39 -16.03
C CYS A 169 -8.98 4.59 -17.28
N ASP A 170 -8.86 5.25 -18.43
CA ASP A 170 -9.06 4.58 -19.70
C ASP A 170 -7.95 3.56 -19.95
N LEU A 171 -8.31 2.48 -20.65
CA LEU A 171 -7.33 1.44 -20.96
C LEU A 171 -6.14 2.01 -21.75
N GLU A 172 -6.37 3.06 -22.54
CA GLU A 172 -5.33 3.66 -23.38
C GLU A 172 -4.55 4.76 -22.68
N SER A 173 -4.85 5.06 -21.42
CA SER A 173 -4.25 6.19 -20.74
C SER A 173 -2.80 5.90 -20.33
N ALA A 174 -2.06 6.98 -20.05
CA ALA A 174 -0.68 6.83 -19.60
C ALA A 174 -0.62 6.12 -18.25
N ALA A 175 -1.56 6.44 -17.35
CA ALA A 175 -1.55 5.78 -16.04
C ALA A 175 -1.77 4.28 -16.19
N MET A 176 -2.67 3.88 -17.09
CA MET A 176 -2.92 2.46 -17.31
C MET A 176 -1.69 1.77 -17.86
N GLN A 177 -1.02 2.39 -18.85
CA GLN A 177 0.17 1.78 -19.41
C GLN A 177 1.25 1.61 -18.36
N GLU A 178 1.39 2.60 -17.46
CA GLU A 178 2.39 2.51 -16.39
C GLU A 178 2.05 1.39 -15.40
N TYR A 179 0.79 1.31 -14.99
CA TYR A 179 0.38 0.27 -14.05
C TYR A 179 0.57 -1.12 -14.64
N CYS A 180 0.14 -1.31 -15.89
CA CYS A 180 0.27 -2.63 -16.52
C CYS A 180 1.73 -3.02 -16.71
N ARG A 181 2.59 -2.04 -16.97
CA ARG A 181 4.02 -2.31 -17.14
C ARG A 181 4.58 -3.00 -15.90
N THR A 182 4.31 -2.44 -14.71
CA THR A 182 4.83 -3.06 -13.50
C THR A 182 4.01 -4.29 -13.09
N LEU A 183 2.69 -4.26 -13.29
CA LEU A 183 1.87 -5.40 -12.90
C LEU A 183 2.33 -6.67 -13.62
N PHE A 184 2.54 -6.59 -14.92
CA PHE A 184 2.89 -7.77 -15.68
C PHE A 184 4.39 -8.06 -15.66
N ASN A 185 5.15 -7.26 -14.92
CA ASN A 185 6.55 -7.53 -14.62
C ASN A 185 6.70 -8.57 -13.52
N MET A 186 5.70 -8.77 -12.67
CA MET A 186 5.77 -9.84 -11.69
C MET A 186 5.76 -11.19 -12.41
N ARG A 187 6.49 -12.14 -11.85
CA ARG A 187 6.39 -13.50 -12.37
C ARG A 187 4.98 -14.02 -12.11
N PRO A 188 4.40 -14.79 -13.03
CA PRO A 188 2.97 -15.14 -12.89
C PRO A 188 2.62 -15.88 -11.61
N ASP A 189 3.42 -16.86 -11.19
CA ASP A 189 3.07 -17.59 -9.96
C ASP A 189 3.16 -16.68 -8.75
N ILE A 190 4.15 -15.78 -8.72
CA ILE A 190 4.27 -14.81 -7.64
C ILE A 190 3.08 -13.86 -7.63
N ALA A 191 2.72 -13.34 -8.80
CA ALA A 191 1.58 -12.44 -8.88
C ALA A 191 0.32 -13.10 -8.34
N CYS A 192 0.11 -14.37 -8.68
CA CYS A 192 -1.09 -15.05 -8.23
C CYS A 192 -1.06 -15.28 -6.72
N CYS A 193 0.12 -15.55 -6.16
CA CYS A 193 0.22 -15.76 -4.72
C CYS A 193 -0.10 -14.46 -3.97
N ILE A 194 0.49 -13.35 -4.42
CA ILE A 194 0.22 -12.06 -3.79
C ILE A 194 -1.25 -11.69 -3.91
N THR A 195 -1.84 -11.92 -5.09
CA THR A 195 -3.25 -11.63 -5.32
C THR A 195 -4.13 -12.39 -4.34
N ARG A 196 -3.90 -13.70 -4.21
CA ARG A 196 -4.70 -14.50 -3.29
C ARG A 196 -4.51 -14.04 -1.84
N MET A 197 -3.27 -13.67 -1.48
CA MET A 197 -3.01 -13.15 -0.15
C MET A 197 -3.85 -11.90 0.13
N ILE A 198 -3.85 -10.95 -0.81
CA ILE A 198 -4.57 -9.70 -0.62
C ILE A 198 -6.07 -9.96 -0.50
N CYS A 199 -6.59 -10.84 -1.35
CA CYS A 199 -8.03 -11.07 -1.38
C CYS A 199 -8.52 -11.70 -0.09
N GLY A 200 -7.67 -12.47 0.60
CA GLY A 200 -8.04 -13.15 1.82
C GLY A 200 -7.68 -12.46 3.12
N LEU A 201 -7.08 -11.27 3.06
CA LEU A 201 -6.61 -10.63 4.28
C LEU A 201 -7.76 -10.23 5.19
N ASP A 202 -7.51 -10.29 6.49
CA ASP A 202 -8.42 -9.69 7.47
C ASP A 202 -7.55 -9.16 8.59
N LEU A 203 -7.24 -7.87 8.53
CA LEU A 203 -6.40 -7.24 9.52
C LEU A 203 -7.18 -6.57 10.63
N ARG A 204 -8.51 -6.70 10.63
CA ARG A 204 -9.31 -6.07 11.68
C ARG A 204 -8.84 -6.40 13.09
N PRO A 205 -8.41 -7.63 13.42
CA PRO A 205 -7.96 -7.90 14.79
C PRO A 205 -6.78 -7.05 15.24
N TYR A 206 -5.98 -6.53 14.31
CA TYR A 206 -4.83 -5.73 14.68
C TYR A 206 -5.17 -4.27 14.99
N LEU A 207 -6.31 -3.76 14.50
CA LEU A 207 -6.47 -2.31 14.41
C LEU A 207 -6.42 -1.63 15.77
N GLY A 208 -7.07 -2.22 16.78
CA GLY A 208 -7.08 -1.60 18.09
C GLY A 208 -5.74 -1.53 18.77
N HIS A 209 -4.73 -2.24 18.23
CA HIS A 209 -3.39 -2.22 18.80
C HIS A 209 -2.43 -1.34 18.03
N VAL A 210 -2.86 -0.79 16.90
CA VAL A 210 -2.11 0.25 16.23
C VAL A 210 -2.31 1.54 17.03
N THR A 211 -1.20 2.15 17.46
CA THR A 211 -1.28 3.37 18.24
C THR A 211 -0.56 4.55 17.63
N VAL A 212 0.34 4.33 16.67
CA VAL A 212 0.97 5.45 15.98
C VAL A 212 -0.10 6.22 15.21
N PRO A 213 0.04 7.54 15.07
CA PRO A 213 -0.97 8.31 14.34
C PRO A 213 -1.07 7.86 12.89
N CYS A 214 -2.31 7.78 12.39
CA CYS A 214 -2.57 7.31 11.04
C CYS A 214 -3.31 8.39 10.27
N HIS A 215 -2.85 8.66 9.06
CA HIS A 215 -3.46 9.64 8.17
C HIS A 215 -4.05 8.85 7.01
N ILE A 216 -5.39 8.83 6.93
CA ILE A 216 -6.11 7.95 6.04
C ILE A 216 -6.58 8.79 4.86
N ILE A 217 -6.04 8.53 3.68
CA ILE A 217 -6.33 9.29 2.46
C ILE A 217 -7.04 8.36 1.48
N GLN A 218 -8.27 8.71 1.08
CA GLN A 218 -9.07 7.83 0.23
C GLN A 218 -9.57 8.60 -0.98
N SER A 219 -9.80 7.88 -2.08
CA SER A 219 -10.66 8.36 -3.17
C SER A 219 -12.12 8.30 -2.76
N SER A 220 -12.89 9.27 -3.26
CA SER A 220 -14.32 9.28 -3.00
C SER A 220 -15.02 8.08 -3.65
N ASN A 221 -14.52 7.61 -4.78
CA ASN A 221 -15.07 6.42 -5.43
C ASN A 221 -13.91 5.49 -5.76
N ASP A 222 -13.83 4.39 -5.01
CA ASP A 222 -12.78 3.40 -5.14
C ASP A 222 -13.47 2.04 -5.03
N ILE A 223 -13.43 1.26 -6.12
CA ILE A 223 -14.10 -0.03 -6.12
C ILE A 223 -13.54 -0.99 -5.08
N MET A 224 -12.31 -0.75 -4.62
CA MET A 224 -11.69 -1.61 -3.63
C MET A 224 -11.89 -1.11 -2.20
N VAL A 225 -12.35 0.12 -2.03
CA VAL A 225 -12.46 0.71 -0.69
C VAL A 225 -13.77 1.49 -0.59
N PRO A 226 -14.84 0.86 -0.08
CA PRO A 226 -16.05 1.63 0.22
C PRO A 226 -15.69 2.82 1.10
N VAL A 227 -16.35 3.96 0.85
CA VAL A 227 -15.98 5.18 1.56
C VAL A 227 -16.06 4.98 3.08
N ALA A 228 -17.02 4.19 3.54
CA ALA A 228 -17.20 3.97 4.98
C ALA A 228 -16.02 3.28 5.63
N VAL A 229 -15.12 2.66 4.85
CA VAL A 229 -13.98 1.97 5.45
C VAL A 229 -13.05 2.95 6.15
N GLY A 230 -12.92 4.17 5.62
CA GLY A 230 -12.09 5.17 6.29
C GLY A 230 -12.58 5.48 7.68
N GLU A 231 -13.88 5.73 7.82
CA GLU A 231 -14.46 5.98 9.13
C GLU A 231 -14.36 4.74 10.02
N TYR A 232 -14.49 3.55 9.44
CA TYR A 232 -14.29 2.32 10.22
C TYR A 232 -12.88 2.28 10.80
N LEU A 233 -11.88 2.64 10.00
CA LEU A 233 -10.51 2.67 10.49
C LEU A 233 -10.36 3.70 11.62
N ARG A 234 -10.92 4.90 11.44
CA ARG A 234 -10.80 5.91 12.49
C ARG A 234 -11.38 5.41 13.80
N LYS A 235 -12.54 4.75 13.74
CA LYS A 235 -13.20 4.29 14.96
C LYS A 235 -12.47 3.12 15.61
N ASN A 236 -11.76 2.32 14.82
CA ASN A 236 -11.20 1.08 15.33
C ASN A 236 -9.69 1.10 15.56
N LEU A 237 -8.97 2.08 15.02
CA LEU A 237 -7.55 2.20 15.35
C LEU A 237 -7.39 2.57 16.82
N GLY A 238 -6.27 2.15 17.40
CA GLY A 238 -6.05 2.38 18.82
C GLY A 238 -5.43 3.72 19.16
N GLY A 239 -4.93 4.44 18.17
CA GLY A 239 -4.39 5.76 18.39
C GLY A 239 -5.16 6.80 17.60
N PRO A 240 -4.61 8.00 17.49
CA PRO A 240 -5.28 9.07 16.77
C PRO A 240 -5.19 8.85 15.26
N SER A 241 -6.19 9.39 14.56
CA SER A 241 -6.16 9.32 13.11
C SER A 241 -6.94 10.48 12.52
N VAL A 242 -6.69 10.73 11.24
CA VAL A 242 -7.41 11.71 10.45
C VAL A 242 -7.82 11.03 9.15
N VAL A 243 -9.04 11.33 8.69
CA VAL A 243 -9.59 10.77 7.47
C VAL A 243 -9.85 11.91 6.49
N GLU A 244 -9.24 11.82 5.31
CA GLU A 244 -9.47 12.79 4.24
C GLU A 244 -9.86 12.06 2.96
N VAL A 245 -11.13 12.20 2.58
CA VAL A 245 -11.61 11.69 1.30
C VAL A 245 -11.38 12.78 0.26
N MET A 246 -10.73 12.41 -0.84
CA MET A 246 -10.35 13.33 -1.90
C MET A 246 -11.36 13.29 -3.03
N PRO A 247 -11.47 14.38 -3.79
CA PRO A 247 -12.31 14.38 -5.00
C PRO A 247 -11.61 13.67 -6.15
N THR A 248 -11.28 12.40 -5.92
CA THR A 248 -10.64 11.55 -6.91
C THR A 248 -11.47 10.28 -7.05
N GLU A 249 -11.18 9.55 -8.13
CA GLU A 249 -11.71 8.21 -8.32
C GLU A 249 -10.57 7.26 -8.61
N GLY A 250 -10.76 6.01 -8.25
CA GLY A 250 -9.74 5.03 -8.53
C GLY A 250 -8.98 4.63 -7.28
N HIS A 251 -8.45 3.41 -7.31
CA HIS A 251 -7.75 2.87 -6.14
C HIS A 251 -6.32 3.38 -6.01
N LEU A 252 -5.72 3.88 -7.09
CA LEU A 252 -4.35 4.40 -7.08
C LEU A 252 -4.36 5.88 -7.46
N PRO A 253 -4.99 6.75 -6.65
CA PRO A 253 -5.10 8.15 -7.07
C PRO A 253 -3.76 8.86 -7.11
N HIS A 254 -2.75 8.38 -6.39
CA HIS A 254 -1.42 8.96 -6.50
C HIS A 254 -0.83 8.76 -7.88
N LEU A 255 -1.19 7.67 -8.55
CA LEU A 255 -0.74 7.39 -9.91
C LEU A 255 -1.63 8.08 -10.96
N SER A 256 -2.94 7.96 -10.82
CA SER A 256 -3.84 8.41 -11.87
C SER A 256 -4.25 9.87 -11.77
N MET A 257 -4.28 10.43 -10.55
CA MET A 257 -4.69 11.82 -10.33
C MET A 257 -3.69 12.52 -9.42
N PRO A 258 -2.42 12.59 -9.83
CA PRO A 258 -1.41 13.20 -8.96
C PRO A 258 -1.63 14.68 -8.69
N GLU A 259 -2.26 15.40 -9.61
CA GLU A 259 -2.47 16.82 -9.41
C GLU A 259 -3.33 17.09 -8.17
N VAL A 260 -4.28 16.20 -7.88
CA VAL A 260 -5.09 16.31 -6.67
C VAL A 260 -4.40 15.64 -5.48
N THR A 261 -3.84 14.45 -5.72
CA THR A 261 -3.41 13.58 -4.64
C THR A 261 -2.09 14.01 -4.02
N ILE A 262 -1.13 14.45 -4.82
CA ILE A 262 0.17 14.82 -4.28
C ILE A 262 0.07 15.94 -3.24
N PRO A 263 -0.67 17.02 -3.47
CA PRO A 263 -0.80 18.04 -2.42
C PRO A 263 -1.43 17.52 -1.14
N VAL A 264 -2.37 16.57 -1.24
CA VAL A 264 -2.96 15.99 -0.04
C VAL A 264 -1.95 15.15 0.71
N VAL A 265 -1.23 14.28 0.00
CA VAL A 265 -0.20 13.46 0.64
C VAL A 265 0.84 14.35 1.31
N LEU A 266 1.27 15.42 0.62
CA LEU A 266 2.27 16.32 1.19
C LEU A 266 1.77 16.96 2.47
N ARG A 267 0.50 17.38 2.49
CA ARG A 267 -0.04 17.97 3.71
C ARG A 267 0.04 17.00 4.89
N HIS A 268 -0.29 15.73 4.65
CA HIS A 268 -0.28 14.76 5.73
C HIS A 268 1.13 14.37 6.13
N ILE A 269 2.08 14.40 5.21
CA ILE A 269 3.48 14.20 5.58
C ILE A 269 3.95 15.34 6.47
N ARG A 270 3.65 16.58 6.06
CA ARG A 270 4.25 17.76 6.67
C ARG A 270 3.57 18.17 7.97
N GLN A 271 2.30 17.80 8.18
CA GLN A 271 1.51 18.30 9.30
C GLN A 271 1.14 17.15 10.21
N ASP A 272 1.65 17.17 11.44
CA ASP A 272 1.30 16.16 12.42
C ASP A 272 -0.04 16.48 13.07
N ILE A 273 -0.74 15.43 13.48
CA ILE A 273 -1.97 15.59 14.27
C ILE A 273 -1.74 15.43 15.76
N THR A 274 -0.52 15.10 16.20
CA THR A 274 -0.17 15.04 17.61
C THR A 274 1.04 15.93 17.86
N ASP A 275 1.30 16.23 19.14
CA ASP A 275 2.35 17.18 19.48
C ASP A 275 3.77 16.62 19.33
#